data_3UL6
#
_entry.id   3UL6
#
_cell.length_a   83.800
_cell.length_b   83.800
_cell.length_c   142.570
_cell.angle_alpha   90.00
_cell.angle_beta   90.00
_cell.angle_gamma   120.00
#
_symmetry.space_group_name_H-M   'P 64 2 2'
#
loop_
_entity.id
_entity.type
_entity.pdbx_description
1 polymer Canecystatin-1
2 non-polymer 2-{2-[2-(2-{2-[2-(2-ETHOXY-ETHOXY)-ETHOXY]-ETHOXY}-ETHOXY)-ETHOXY]-ETHOXY}-ETHANOL
3 water water
#
_entity_poly.entity_id   1
_entity_poly.type   'polypeptide(L)'
_entity_poly.pdbx_seq_one_letter_code
;MGSSHHHHHHSSGLVPRGSHMASMTGGQQMGRGMAEAHNGRRVGMVGDVRDAPAGHENDLEAIELARFAVAEHNSKTNAM
LEFERLVKVRHQVVAGTMHHFTVQVKEAGGGKKLYEAKVWEKVWENFKQLQSFQPVGDA
;
_entity_poly.pdbx_strand_id   A,B
#
# COMPACT_ATOMS: atom_id res chain seq x y z
N ASP A 59 22.59 -1.91 11.71
CA ASP A 59 22.62 -1.51 10.31
C ASP A 59 23.20 -0.10 10.16
N LEU A 60 23.91 0.14 9.07
CA LEU A 60 24.48 1.45 8.77
C LEU A 60 23.85 2.02 7.51
N GLU A 61 23.16 1.15 6.77
CA GLU A 61 22.39 1.56 5.61
C GLU A 61 21.02 2.03 6.07
N ALA A 62 20.55 1.51 7.20
CA ALA A 62 19.36 2.03 7.86
C ALA A 62 19.63 3.46 8.31
N ILE A 63 20.83 3.68 8.83
CA ILE A 63 21.31 5.02 9.17
C ILE A 63 21.42 5.91 7.92
N GLU A 64 21.58 5.27 6.76
CA GLU A 64 21.71 6.00 5.51
C GLU A 64 20.36 6.43 4.94
N LEU A 65 19.34 5.61 5.15
CA LEU A 65 17.99 5.92 4.70
C LEU A 65 17.42 7.06 5.53
N ALA A 66 17.69 6.99 6.84
CA ALA A 66 17.30 8.02 7.78
C ALA A 66 17.88 9.39 7.45
N ARG A 67 19.17 9.42 7.08
CA ARG A 67 19.84 10.67 6.72
C ARG A 67 19.12 11.28 5.51
N PHE A 68 18.68 10.43 4.59
CA PHE A 68 17.93 10.84 3.42
C PHE A 68 16.55 11.36 3.81
N ALA A 69 15.93 10.67 4.76
CA ALA A 69 14.60 11.02 5.25
C ALA A 69 14.55 12.45 5.81
N VAL A 70 15.56 12.80 6.61
CA VAL A 70 15.75 14.14 7.17
C VAL A 70 16.08 15.16 6.08
N ALA A 71 17.04 14.79 5.23
CA ALA A 71 17.42 15.59 4.07
C ALA A 71 16.25 15.85 3.13
N GLU A 72 15.33 14.89 3.04
CA GLU A 72 14.16 15.02 2.17
C GLU A 72 13.15 15.99 2.77
N HIS A 73 12.96 15.87 4.08
CA HIS A 73 12.09 16.76 4.80
C HIS A 73 12.56 18.21 4.64
N ASN A 74 13.84 18.46 4.89
CA ASN A 74 14.41 19.79 4.71
C ASN A 74 14.27 20.29 3.28
N SER A 75 14.51 19.42 2.31
CA SER A 75 14.30 19.79 0.91
C SER A 75 12.86 20.27 0.66
N LYS A 76 11.90 19.65 1.34
CA LYS A 76 10.50 19.83 0.98
C LYS A 76 9.77 20.82 1.89
N THR A 77 10.37 21.16 3.01
CA THR A 77 9.75 22.10 3.94
C THR A 77 10.67 23.28 4.22
N ASN A 78 11.96 23.03 4.02
CA ASN A 78 12.99 23.94 4.47
C ASN A 78 12.84 24.18 5.97
N ALA A 79 13.39 23.22 6.72
CA ALA A 79 13.28 23.17 8.17
C ALA A 79 14.69 23.03 8.76
N MET A 80 15.64 22.74 7.88
CA MET A 80 17.06 22.59 8.22
C MET A 80 17.35 21.85 9.54
N LEU A 81 16.48 20.90 9.87
CA LEU A 81 16.73 20.02 11.00
C LEU A 81 17.98 19.19 10.70
N GLU A 82 18.73 18.82 11.72
CA GLU A 82 19.99 18.10 11.50
C GLU A 82 19.97 16.74 12.17
N PHE A 83 20.32 15.70 11.42
CA PHE A 83 20.32 14.35 11.95
C PHE A 83 21.29 14.23 13.10
N GLU A 84 20.78 13.85 14.27
CA GLU A 84 21.63 13.50 15.40
C GLU A 84 21.80 11.98 15.46
N ARG A 85 20.81 11.25 15.97
CA ARG A 85 20.95 9.79 16.08
C ARG A 85 19.69 8.98 15.72
N LEU A 86 19.91 7.79 15.17
CA LEU A 86 18.82 6.87 14.82
C LEU A 86 18.51 5.92 15.96
N VAL A 87 17.28 5.97 16.46
CA VAL A 87 16.95 5.31 17.73
C VAL A 87 16.04 4.07 17.63
N LYS A 88 15.21 3.99 16.58
CA LYS A 88 14.40 2.80 16.33
C LYS A 88 14.37 2.54 14.84
N VAL A 89 14.35 1.26 14.45
CA VAL A 89 14.16 0.91 13.04
C VAL A 89 13.29 -0.33 12.89
N ARG A 90 12.42 -0.33 11.87
CA ARG A 90 11.70 -1.53 11.46
C ARG A 90 11.60 -1.58 9.94
N HIS A 91 11.90 -2.75 9.37
CA HIS A 91 11.90 -2.92 7.93
C HIS A 91 10.75 -3.86 7.52
N GLN A 92 9.69 -3.28 6.97
CA GLN A 92 8.54 -4.08 6.52
C GLN A 92 8.58 -4.43 5.03
N VAL A 93 8.78 -5.70 4.71
CA VAL A 93 8.79 -6.19 3.33
C VAL A 93 7.37 -6.23 2.80
N VAL A 94 7.13 -5.55 1.67
CA VAL A 94 5.85 -5.60 0.97
C VAL A 94 6.03 -6.24 -0.39
N ALA A 95 5.35 -7.34 -0.64
CA ALA A 95 5.53 -8.07 -1.89
C ALA A 95 4.23 -8.75 -2.26
N GLY A 96 3.61 -8.30 -3.34
CA GLY A 96 2.36 -8.87 -3.82
C GLY A 96 1.87 -8.23 -5.11
N THR A 97 0.60 -8.47 -5.43
CA THR A 97 -0.06 -7.87 -6.59
C THR A 97 -1.35 -7.19 -6.19
N MET A 98 -1.50 -5.92 -6.56
CA MET A 98 -2.82 -5.29 -6.52
C MET A 98 -3.56 -5.50 -7.85
N HIS A 99 -4.65 -6.26 -7.77
CA HIS A 99 -5.48 -6.59 -8.93
C HIS A 99 -6.68 -5.64 -8.97
N HIS A 100 -6.94 -5.07 -10.15
CA HIS A 100 -8.07 -4.16 -10.34
C HIS A 100 -8.99 -4.87 -11.27
N PHE A 101 -10.24 -5.08 -10.86
CA PHE A 101 -11.20 -5.77 -11.69
C PHE A 101 -12.41 -4.88 -11.92
N THR A 102 -12.90 -4.87 -13.17
CA THR A 102 -14.28 -4.51 -13.44
C THR A 102 -15.08 -5.80 -13.55
N VAL A 103 -16.13 -5.90 -12.74
CA VAL A 103 -16.86 -7.14 -12.69
C VAL A 103 -18.33 -6.91 -13.01
N GLN A 104 -18.92 -7.86 -13.71
CA GLN A 104 -20.35 -7.85 -13.90
C GLN A 104 -20.99 -8.82 -12.91
N VAL A 105 -22.00 -8.34 -12.20
CA VAL A 105 -22.72 -9.20 -11.29
C VAL A 105 -24.19 -9.22 -11.65
N LYS A 106 -24.90 -10.22 -11.13
CA LYS A 106 -26.35 -10.22 -11.14
C LYS A 106 -26.82 -9.82 -9.75
N GLU A 107 -27.92 -9.08 -9.69
CA GLU A 107 -28.44 -8.64 -8.42
C GLU A 107 -29.67 -9.42 -8.01
N ALA A 108 -30.10 -9.20 -6.78
CA ALA A 108 -31.42 -9.57 -6.36
C ALA A 108 -32.30 -8.38 -6.74
N GLY A 109 -33.19 -8.57 -7.71
CA GLY A 109 -33.36 -9.84 -8.39
C GLY A 109 -34.34 -9.72 -9.56
N GLY A 110 -33.83 -9.68 -10.78
CA GLY A 110 -32.40 -9.76 -11.02
C GLY A 110 -31.87 -8.46 -11.58
N GLY A 111 -31.28 -8.52 -12.77
CA GLY A 111 -30.64 -7.35 -13.32
C GLY A 111 -29.12 -7.42 -13.14
N LYS A 112 -28.38 -7.12 -14.20
CA LYS A 112 -26.94 -7.14 -14.19
C LYS A 112 -26.40 -5.72 -13.91
N LYS A 113 -25.17 -5.66 -13.39
CA LYS A 113 -24.57 -4.38 -12.96
C LYS A 113 -23.03 -4.51 -12.87
N LEU A 114 -22.33 -3.40 -13.12
CA LEU A 114 -20.87 -3.39 -13.07
C LEU A 114 -20.36 -2.84 -11.74
N TYR A 115 -19.32 -3.47 -11.23
CA TYR A 115 -18.61 -3.00 -10.04
C TYR A 115 -17.13 -3.01 -10.29
N GLU A 116 -16.43 -2.09 -9.64
CA GLU A 116 -14.99 -2.10 -9.67
C GLU A 116 -14.48 -2.59 -8.29
N ALA A 117 -13.58 -3.58 -8.33
CA ALA A 117 -13.01 -4.19 -7.13
C ALA A 117 -11.47 -4.13 -7.11
N LYS A 118 -10.89 -4.12 -5.91
CA LYS A 118 -9.45 -4.23 -5.77
C LYS A 118 -9.09 -5.30 -4.76
N VAL A 119 -8.24 -6.22 -5.16
CA VAL A 119 -7.86 -7.31 -4.31
C VAL A 119 -6.36 -7.32 -4.16
N TRP A 120 -5.89 -7.20 -2.93
CA TRP A 120 -4.48 -7.32 -2.63
C TRP A 120 -4.15 -8.78 -2.40
N GLU A 121 -3.07 -9.23 -3.00
CA GLU A 121 -2.70 -10.60 -2.87
C GLU A 121 -1.23 -10.62 -2.60
N LYS A 122 -0.85 -11.32 -1.53
CA LYS A 122 0.55 -11.60 -1.23
C LYS A 122 1.10 -12.81 -2.01
N VAL A 123 2.31 -12.66 -2.54
CA VAL A 123 2.96 -13.72 -3.34
C VAL A 123 3.75 -14.78 -2.53
N TRP A 124 4.40 -14.37 -1.44
CA TRP A 124 5.14 -15.35 -0.63
C TRP A 124 4.38 -15.82 0.62
N GLU A 125 3.09 -15.55 0.67
CA GLU A 125 2.25 -15.94 1.80
C GLU A 125 0.91 -16.27 1.21
N ASN A 126 0.15 -17.06 1.94
CA ASN A 126 -1.17 -17.37 1.51
C ASN A 126 -2.13 -16.30 2.04
N PHE A 127 -2.31 -15.25 1.25
CA PHE A 127 -3.07 -14.09 1.70
C PHE A 127 -3.63 -13.27 0.56
N LYS A 128 -4.97 -13.16 0.56
CA LYS A 128 -5.66 -12.23 -0.31
C LYS A 128 -6.80 -11.48 0.45
N GLN A 129 -7.09 -10.27 0.02
CA GLN A 129 -7.95 -9.38 0.75
C GLN A 129 -8.69 -8.43 -0.17
N LEU A 130 -9.96 -8.19 0.09
CA LEU A 130 -10.72 -7.26 -0.73
C LEU A 130 -10.44 -5.87 -0.22
N GLN A 131 -9.84 -5.02 -1.06
CA GLN A 131 -9.48 -3.67 -0.66
C GLN A 131 -10.65 -2.70 -0.88
N SER A 132 -11.43 -2.97 -1.91
CA SER A 132 -12.37 -2.00 -2.43
C SER A 132 -13.41 -2.70 -3.28
N PHE A 133 -14.68 -2.33 -3.11
CA PHE A 133 -15.75 -2.85 -3.94
C PHE A 133 -16.86 -1.81 -4.15
N GLN A 134 -16.93 -1.27 -5.35
CA GLN A 134 -17.73 -0.08 -5.60
C GLN A 134 -18.41 -0.14 -6.97
N PRO A 135 -19.64 0.42 -7.06
CA PRO A 135 -20.30 0.50 -8.36
C PRO A 135 -19.54 1.43 -9.28
N VAL A 136 -19.46 1.12 -10.57
CA VAL A 136 -19.10 2.16 -11.53
C VAL A 136 -20.33 3.08 -11.67
N GLY A 137 -20.11 4.38 -11.80
CA GLY A 137 -21.22 5.31 -11.94
C GLY A 137 -22.09 5.04 -13.16
N GLU B 57 -9.64 -10.42 -19.01
CA GLU B 57 -8.91 -11.68 -19.00
C GLU B 57 -9.81 -12.89 -18.74
N ASN B 58 -9.47 -13.98 -19.41
CA ASN B 58 -10.13 -15.25 -19.23
C ASN B 58 -9.20 -16.22 -18.50
N ASP B 59 -8.14 -15.67 -17.89
CA ASP B 59 -7.26 -16.46 -17.03
C ASP B 59 -8.06 -16.98 -15.86
N LEU B 60 -8.06 -18.30 -15.68
CA LEU B 60 -8.90 -18.91 -14.65
C LEU B 60 -8.64 -18.38 -13.25
N GLU B 61 -7.39 -18.02 -12.98
CA GLU B 61 -6.99 -17.46 -11.70
C GLU B 61 -7.56 -16.07 -11.46
N ALA B 62 -7.65 -15.27 -12.51
CA ALA B 62 -8.19 -13.91 -12.40
C ALA B 62 -9.70 -13.97 -12.15
N ILE B 63 -10.36 -14.92 -12.79
CA ILE B 63 -11.78 -15.17 -12.54
C ILE B 63 -12.03 -15.62 -11.11
N GLU B 64 -11.09 -16.40 -10.56
CA GLU B 64 -11.20 -16.90 -9.21
C GLU B 64 -11.05 -15.83 -8.15
N LEU B 65 -10.23 -14.83 -8.45
CA LEU B 65 -10.04 -13.72 -7.54
C LEU B 65 -11.24 -12.78 -7.58
N ALA B 66 -11.82 -12.69 -8.77
CA ALA B 66 -12.99 -11.86 -9.00
C ALA B 66 -14.18 -12.44 -8.25
N ARG B 67 -14.36 -13.76 -8.32
CA ARG B 67 -15.36 -14.44 -7.53
C ARG B 67 -15.14 -14.18 -6.04
N PHE B 68 -13.89 -14.29 -5.60
CA PHE B 68 -13.52 -14.03 -4.23
C PHE B 68 -13.95 -12.60 -3.85
N ALA B 69 -13.70 -11.64 -4.72
CA ALA B 69 -14.10 -10.26 -4.50
C ALA B 69 -15.61 -10.11 -4.24
N VAL B 70 -16.43 -10.73 -5.10
CA VAL B 70 -17.89 -10.65 -4.96
C VAL B 70 -18.34 -11.32 -3.65
N ALA B 71 -17.86 -12.55 -3.43
CA ALA B 71 -18.12 -13.30 -2.22
C ALA B 71 -17.74 -12.53 -0.94
N GLU B 72 -16.62 -11.81 -0.98
CA GLU B 72 -16.19 -10.99 0.14
C GLU B 72 -17.08 -9.77 0.34
N HIS B 73 -17.57 -9.20 -0.74
CA HIS B 73 -18.50 -8.09 -0.65
C HIS B 73 -19.77 -8.60 -0.01
N ASN B 74 -20.21 -9.77 -0.46
CA ASN B 74 -21.39 -10.40 0.10
C ASN B 74 -21.26 -10.67 1.61
N SER B 75 -20.13 -11.20 2.07
CA SER B 75 -20.07 -11.47 3.50
C SER B 75 -19.82 -10.22 4.35
N LYS B 76 -19.27 -9.17 3.75
CA LYS B 76 -18.99 -7.93 4.48
C LYS B 76 -20.24 -7.05 4.63
N THR B 77 -21.16 -7.19 3.68
CA THR B 77 -22.31 -6.31 3.54
C THR B 77 -23.62 -7.09 3.51
N ASN B 78 -23.55 -8.40 3.31
CA ASN B 78 -24.75 -9.23 3.13
C ASN B 78 -25.58 -8.75 1.94
N ALA B 79 -24.97 -8.81 0.76
CA ALA B 79 -25.54 -8.20 -0.43
C ALA B 79 -26.12 -9.23 -1.39
N MET B 80 -25.68 -10.48 -1.24
CA MET B 80 -26.13 -11.53 -2.17
C MET B 80 -26.07 -11.23 -3.69
N LEU B 81 -24.95 -10.67 -4.15
CA LEU B 81 -24.73 -10.45 -5.58
C LEU B 81 -24.19 -11.74 -6.19
N GLU B 82 -24.55 -12.04 -7.43
CA GLU B 82 -23.99 -13.23 -8.04
C GLU B 82 -22.96 -12.82 -9.08
N PHE B 83 -21.82 -13.51 -9.10
CA PHE B 83 -20.79 -13.25 -10.10
C PHE B 83 -21.30 -13.70 -11.45
N GLU B 84 -21.26 -12.77 -12.41
CA GLU B 84 -21.67 -13.01 -13.80
C GLU B 84 -20.43 -13.10 -14.70
N ARG B 85 -19.66 -12.02 -14.78
CA ARG B 85 -18.41 -12.09 -15.52
C ARG B 85 -17.37 -11.02 -15.19
N LEU B 86 -16.13 -11.37 -15.48
CA LEU B 86 -15.01 -10.46 -15.34
C LEU B 86 -14.80 -9.78 -16.68
N VAL B 87 -15.03 -8.48 -16.71
CA VAL B 87 -15.01 -7.75 -17.97
C VAL B 87 -13.73 -6.93 -18.16
N LYS B 88 -12.87 -6.87 -17.14
CA LYS B 88 -11.61 -6.14 -17.21
C LYS B 88 -10.69 -6.41 -16.01
N VAL B 89 -9.39 -6.54 -16.27
CA VAL B 89 -8.37 -6.85 -15.26
C VAL B 89 -7.11 -6.03 -15.46
N ARG B 90 -6.58 -5.45 -14.38
CA ARG B 90 -5.28 -4.80 -14.40
C ARG B 90 -4.50 -5.28 -13.19
N HIS B 91 -3.29 -5.78 -13.42
CA HIS B 91 -2.43 -6.29 -12.36
C HIS B 91 -1.34 -5.28 -12.07
N GLN B 92 -1.12 -5.03 -10.79
CA GLN B 92 -0.13 -4.06 -10.38
C GLN B 92 0.84 -4.75 -9.42
N VAL B 93 2.01 -5.14 -9.94
CA VAL B 93 3.03 -5.77 -9.12
C VAL B 93 3.59 -4.77 -8.12
N VAL B 94 3.55 -5.12 -6.83
CA VAL B 94 4.17 -4.30 -5.79
C VAL B 94 5.27 -5.09 -5.02
N ALA B 95 6.46 -4.50 -4.97
CA ALA B 95 7.61 -5.13 -4.36
C ALA B 95 8.56 -4.06 -3.83
N GLY B 96 8.53 -3.89 -2.51
CA GLY B 96 9.37 -2.92 -1.87
C GLY B 96 9.54 -3.23 -0.40
N THR B 97 10.13 -2.26 0.29
CA THR B 97 10.23 -2.27 1.73
C THR B 97 9.73 -0.92 2.22
N MET B 98 8.85 -0.95 3.22
CA MET B 98 8.49 0.24 3.99
C MET B 98 9.38 0.35 5.23
N HIS B 99 10.24 1.36 5.28
CA HIS B 99 11.10 1.56 6.44
C HIS B 99 10.46 2.47 7.48
N HIS B 100 10.52 2.05 8.74
CA HIS B 100 9.99 2.86 9.84
C HIS B 100 11.12 3.30 10.77
N PHE B 101 11.38 4.61 10.78
CA PHE B 101 12.45 5.18 11.60
C PHE B 101 11.91 6.09 12.68
N THR B 102 12.35 5.86 13.91
CA THR B 102 12.29 6.91 14.92
C THR B 102 13.68 7.55 14.99
N VAL B 103 13.71 8.88 14.88
CA VAL B 103 14.95 9.60 14.67
C VAL B 103 15.06 10.84 15.58
N GLN B 104 16.25 11.06 16.13
CA GLN B 104 16.55 12.28 16.88
C GLN B 104 17.17 13.34 15.99
N VAL B 105 16.66 14.57 16.06
CA VAL B 105 17.20 15.68 15.28
C VAL B 105 17.68 16.82 16.18
N LYS B 106 18.47 17.73 15.59
CA LYS B 106 18.82 18.99 16.23
C LYS B 106 18.01 20.09 15.55
N GLU B 107 17.05 20.66 16.27
CA GLU B 107 16.14 21.65 15.70
C GLU B 107 16.86 22.98 15.47
N ALA B 108 16.10 23.99 15.03
CA ALA B 108 16.67 25.30 14.70
C ALA B 108 17.50 25.87 15.85
N GLY B 109 16.87 26.11 17.00
CA GLY B 109 17.52 26.71 18.13
C GLY B 109 18.41 25.78 18.96
N GLY B 110 18.71 24.61 18.41
CA GLY B 110 19.55 23.65 19.11
C GLY B 110 18.79 22.58 19.88
N GLY B 111 17.46 22.64 19.83
CA GLY B 111 16.61 21.68 20.53
C GLY B 111 16.63 20.27 19.94
N LYS B 112 16.59 19.27 20.82
CA LYS B 112 16.65 17.88 20.42
C LYS B 112 15.26 17.24 20.38
N LYS B 113 14.76 17.00 19.18
CA LYS B 113 13.40 16.50 18.99
C LYS B 113 13.34 15.11 18.33
N LEU B 114 12.23 14.42 18.53
CA LEU B 114 12.05 13.07 17.99
C LEU B 114 11.06 13.05 16.85
N TYR B 115 11.46 12.43 15.75
CA TYR B 115 10.58 12.27 14.58
C TYR B 115 10.42 10.82 14.14
N GLU B 116 9.21 10.48 13.67
CA GLU B 116 8.97 9.20 13.05
C GLU B 116 8.88 9.36 11.55
N ALA B 117 9.77 8.68 10.82
CA ALA B 117 9.83 8.75 9.36
C ALA B 117 9.39 7.43 8.72
N LYS B 118 8.74 7.51 7.55
CA LYS B 118 8.43 6.34 6.73
C LYS B 118 9.00 6.49 5.34
N VAL B 119 9.93 5.61 4.98
CA VAL B 119 10.54 5.62 3.66
C VAL B 119 10.06 4.42 2.85
N TRP B 120 9.60 4.69 1.63
CA TRP B 120 9.17 3.61 0.76
C TRP B 120 10.20 3.39 -0.32
N GLU B 121 10.75 2.17 -0.37
CA GLU B 121 11.78 1.82 -1.33
C GLU B 121 11.30 0.68 -2.20
N LYS B 122 11.33 0.89 -3.52
CA LYS B 122 11.14 -0.20 -4.48
C LYS B 122 12.46 -0.94 -4.70
N VAL B 123 12.39 -2.27 -4.66
CA VAL B 123 13.57 -3.11 -4.58
C VAL B 123 14.11 -3.54 -5.95
N TRP B 124 13.24 -3.59 -6.96
CA TRP B 124 13.67 -3.88 -8.32
C TRP B 124 13.75 -2.60 -9.17
N GLU B 125 13.68 -1.46 -8.49
CA GLU B 125 13.82 -0.18 -9.15
C GLU B 125 14.75 0.73 -8.35
N ASN B 126 15.05 1.88 -8.93
CA ASN B 126 15.77 2.91 -8.22
C ASN B 126 14.77 3.94 -7.73
N PHE B 127 14.11 3.63 -6.63
CA PHE B 127 13.05 4.50 -6.12
C PHE B 127 12.99 4.44 -4.60
N LYS B 128 13.37 5.55 -3.97
CA LYS B 128 13.15 5.79 -2.55
C LYS B 128 12.26 7.02 -2.47
N GLN B 129 11.38 7.07 -1.48
CA GLN B 129 10.61 8.30 -1.23
C GLN B 129 10.11 8.42 0.21
N LEU B 130 10.29 9.61 0.79
CA LEU B 130 9.78 9.87 2.13
C LEU B 130 8.27 9.91 2.07
N GLN B 131 7.61 9.05 2.83
CA GLN B 131 6.15 8.99 2.83
C GLN B 131 5.57 9.90 3.89
N SER B 132 6.32 10.09 4.97
CA SER B 132 5.78 10.64 6.19
C SER B 132 6.88 11.06 7.15
N PHE B 133 6.69 12.21 7.78
CA PHE B 133 7.65 12.76 8.74
C PHE B 133 6.87 13.42 9.86
N GLN B 134 7.07 12.94 11.08
CA GLN B 134 6.15 13.23 12.14
C GLN B 134 6.78 13.23 13.52
N PRO B 135 6.55 14.30 14.29
CA PRO B 135 7.07 14.53 15.64
C PRO B 135 6.55 13.51 16.65
N VAL B 136 7.33 13.24 17.70
CA VAL B 136 6.92 12.28 18.72
C VAL B 136 6.83 12.93 20.09
#